data_3N9V
#
_entry.id   3N9V
#
_cell.length_a   96.160
_cell.length_b   110.660
_cell.length_c   159.380
_cell.angle_alpha   90.00
_cell.angle_beta   90.00
_cell.angle_gamma   90.00
#
_symmetry.space_group_name_H-M   'I 21 21 21'
#
loop_
_entity.id
_entity.type
_entity.pdbx_description
1 polymer 'Type II inositol-1,4,5-trisphosphate 5-phosphatase'
2 non-polymer 'MAGNESIUM ION'
3 non-polymer 'CALCIUM ION'
4 non-polymer GLYCEROL
5 water water
#
_entity_poly.entity_id   1
_entity_poly.type   'polypeptide(L)'
_entity_poly.pdbx_seq_one_letter_code
;MIQNFRFFAGTYNVNGQSPKECLRLWLSNGIQAPDVYCVGFQELDLSKEAFFFHDTPKEEEWFKAVSEGLHPDAKYAKVK
LIRLVGIMLLLYVKQEHAAYISEVEAETVGTGIMGRMGNKGGVAIRFQFHNTSICVVNSHLAAHIEEYERRNQDYKDICS
RMQFCQPDPSLPPLTISNHDVILWLGDLNYRIEELDVEKVKKLIEEKDFQMLYAYDQLKIQVAAKTVFEGFTEGELTFQP
TYKYDTGSDDWDTSEKCRAPAWCDRILWKGKNITQLSYQSHMALKTSDHKPVSSVFDIGVRVVNDEAHHHHHH
;
_entity_poly.pdbx_strand_id   A,B
#
# COMPACT_ATOMS: atom_id res chain seq x y z
N MET A 1 -20.34 22.71 13.55
CA MET A 1 -21.19 23.21 12.42
C MET A 1 -21.10 22.25 11.25
N ILE A 2 -22.25 21.79 10.76
CA ILE A 2 -22.32 20.96 9.55
C ILE A 2 -22.27 21.81 8.31
N GLN A 3 -21.31 21.53 7.44
CA GLN A 3 -21.26 22.16 6.15
C GLN A 3 -21.25 21.08 5.06
N ASN A 4 -22.09 21.26 4.05
CA ASN A 4 -22.21 20.32 2.95
C ASN A 4 -21.11 20.46 1.91
N PHE A 5 -20.60 19.32 1.48
CA PHE A 5 -19.67 19.23 0.40
C PHE A 5 -20.23 18.26 -0.63
N ARG A 6 -19.84 18.42 -1.89
CA ARG A 6 -20.35 17.58 -2.93
C ARG A 6 -19.40 16.42 -3.18
N PHE A 7 -19.91 15.20 -3.04
CA PHE A 7 -19.13 13.99 -3.28
C PHE A 7 -19.61 13.31 -4.56
N PHE A 8 -18.65 13.01 -5.44
CA PHE A 8 -18.94 12.22 -6.63
C PHE A 8 -18.43 10.81 -6.39
N ALA A 9 -19.31 9.83 -6.58
CA ALA A 9 -18.94 8.42 -6.56
C ALA A 9 -19.16 7.83 -7.95
N GLY A 10 -18.16 7.10 -8.47
CA GLY A 10 -18.27 6.43 -9.78
C GLY A 10 -17.72 5.01 -9.74
N THR A 11 -18.36 4.12 -10.51
CA THR A 11 -17.90 2.73 -10.64
C THR A 11 -18.00 2.33 -12.12
N TYR A 12 -16.98 1.62 -12.61
CA TYR A 12 -16.83 1.26 -14.03
C TYR A 12 -16.05 -0.04 -14.15
N ASN A 13 -16.66 -1.05 -14.75
CA ASN A 13 -15.94 -2.29 -15.06
C ASN A 13 -15.49 -2.17 -16.51
N VAL A 14 -14.19 -2.03 -16.71
CA VAL A 14 -13.62 -1.64 -18.01
C VAL A 14 -13.15 -2.85 -18.81
N ASN A 15 -13.49 -4.04 -18.33
CA ASN A 15 -13.30 -5.26 -19.10
C ASN A 15 -11.91 -5.40 -19.73
N GLY A 16 -10.88 -4.99 -18.99
CA GLY A 16 -9.50 -5.29 -19.37
C GLY A 16 -8.92 -4.36 -20.40
N GLN A 17 -9.68 -3.30 -20.73
CA GLN A 17 -9.39 -2.42 -21.83
C GLN A 17 -8.62 -1.21 -21.37
N SER A 18 -7.82 -0.65 -22.27
CA SER A 18 -7.26 0.67 -22.09
C SER A 18 -8.33 1.72 -22.42
N PRO A 19 -8.23 2.90 -21.80
CA PRO A 19 -9.17 3.96 -22.12
C PRO A 19 -9.05 4.40 -23.56
N LYS A 20 -10.18 4.41 -24.25
CA LYS A 20 -10.28 4.88 -25.64
C LYS A 20 -10.98 6.23 -25.69
N GLU A 21 -11.84 6.49 -24.71
CA GLU A 21 -12.72 7.63 -24.73
C GLU A 21 -12.42 8.65 -23.66
N CYS A 22 -12.77 9.88 -23.97
CA CYS A 22 -12.78 10.94 -23.00
C CYS A 22 -13.80 10.60 -21.92
N LEU A 23 -13.41 10.78 -20.67
CA LEU A 23 -14.25 10.43 -19.53
C LEU A 23 -15.10 11.58 -19.00
N ARG A 24 -14.95 12.77 -19.56
CA ARG A 24 -15.78 13.89 -19.13
C ARG A 24 -17.27 13.54 -19.07
N LEU A 25 -17.74 12.73 -20.03
CA LEU A 25 -19.14 12.28 -20.05
C LEU A 25 -19.52 11.65 -18.72
N TRP A 26 -18.61 10.86 -18.20
CA TRP A 26 -18.82 10.14 -16.97
C TRP A 26 -18.57 11.02 -15.74
N LEU A 27 -17.41 11.69 -15.71
CA LEU A 27 -16.93 12.37 -14.50
C LEU A 27 -17.27 13.87 -14.38
N SER A 28 -17.71 14.52 -15.45
CA SER A 28 -18.13 15.93 -15.37
C SER A 28 -19.02 16.34 -16.55
N ASN A 29 -20.26 15.85 -16.52
CA ASN A 29 -21.22 15.98 -17.60
C ASN A 29 -22.39 16.71 -17.00
N GLY A 30 -22.41 18.03 -17.14
CA GLY A 30 -23.46 18.86 -16.58
C GLY A 30 -23.65 18.77 -15.07
N ILE A 31 -22.56 18.59 -14.32
CA ILE A 31 -22.60 18.64 -12.86
C ILE A 31 -21.72 19.78 -12.33
N GLN A 32 -22.06 20.32 -11.16
CA GLN A 32 -21.19 21.25 -10.48
C GLN A 32 -19.93 20.49 -10.11
N ALA A 33 -18.81 21.20 -10.10
CA ALA A 33 -17.53 20.62 -9.74
C ALA A 33 -17.62 19.97 -8.38
N PRO A 34 -17.44 18.65 -8.29
CA PRO A 34 -17.49 18.08 -6.95
C PRO A 34 -16.31 18.53 -6.09
N ASP A 35 -16.55 18.61 -4.79
CA ASP A 35 -15.48 18.85 -3.84
C ASP A 35 -14.56 17.64 -3.73
N VAL A 36 -15.17 16.44 -3.76
CA VAL A 36 -14.44 15.21 -3.59
C VAL A 36 -14.83 14.21 -4.67
N TYR A 37 -13.86 13.50 -5.22
CA TYR A 37 -14.12 12.49 -6.25
C TYR A 37 -13.65 11.10 -5.78
N CYS A 38 -14.56 10.13 -5.86
CA CYS A 38 -14.31 8.76 -5.46
C CYS A 38 -14.59 7.94 -6.68
N VAL A 39 -13.56 7.38 -7.30
CA VAL A 39 -13.72 6.77 -8.61
C VAL A 39 -13.21 5.36 -8.62
N GLY A 40 -14.09 4.43 -8.93
CA GLY A 40 -13.78 3.01 -8.80
C GLY A 40 -13.81 2.27 -10.11
N PHE A 41 -12.86 1.36 -10.28
CA PHE A 41 -12.77 0.52 -11.47
C PHE A 41 -12.72 -0.92 -11.07
N GLN A 42 -13.21 -1.78 -11.95
CA GLN A 42 -12.98 -3.22 -11.84
C GLN A 42 -12.46 -3.75 -13.18
N GLU A 43 -11.85 -4.93 -13.15
CA GLU A 43 -11.25 -5.52 -14.32
C GLU A 43 -10.33 -4.53 -15.05
N LEU A 44 -9.49 -3.84 -14.30
CA LEU A 44 -8.57 -2.87 -14.89
C LEU A 44 -7.60 -3.54 -15.85
N ASP A 45 -7.16 -4.75 -15.52
CA ASP A 45 -6.24 -5.51 -16.36
C ASP A 45 -6.59 -6.97 -16.12
N LEU A 46 -6.84 -7.73 -17.20
CA LEU A 46 -7.29 -9.14 -17.09
C LEU A 46 -6.21 -10.16 -17.39
N SER A 47 -5.01 -9.67 -17.69
CA SER A 47 -3.86 -10.52 -17.93
C SER A 47 -3.48 -11.37 -16.71
N LYS A 48 -2.91 -12.54 -16.97
CA LYS A 48 -2.37 -13.37 -15.89
C LYS A 48 -1.15 -12.69 -15.29
N GLU A 49 -0.37 -12.01 -16.13
CA GLU A 49 0.80 -11.26 -15.66
C GLU A 49 0.43 -10.26 -14.57
N ALA A 50 -0.61 -9.48 -14.81
CA ALA A 50 -1.11 -8.51 -13.84
C ALA A 50 -1.54 -9.19 -12.56
N PHE A 51 -2.22 -10.33 -12.68
CA PHE A 51 -2.69 -11.09 -11.51
C PHE A 51 -1.54 -11.63 -10.68
N PHE A 52 -0.36 -11.60 -11.26
CA PHE A 52 0.77 -12.30 -10.75
C PHE A 52 1.76 -11.36 -10.11
N PHE A 53 2.11 -10.29 -10.83
CA PHE A 53 3.09 -9.31 -10.34
C PHE A 53 2.50 -7.93 -10.13
N HIS A 54 1.19 -7.79 -10.18
CA HIS A 54 0.51 -6.55 -9.78
C HIS A 54 0.68 -5.39 -10.76
N ASP A 55 1.92 -5.10 -11.16
CA ASP A 55 2.23 -3.99 -12.06
C ASP A 55 1.49 -4.10 -13.40
N THR A 56 1.03 -2.97 -13.90
CA THR A 56 0.29 -2.95 -15.15
C THR A 56 0.21 -1.52 -15.63
N PRO A 57 0.41 -1.32 -16.94
CA PRO A 57 0.38 0.02 -17.45
C PRO A 57 -1.03 0.54 -17.55
N LYS A 58 -2.01 -0.28 -17.22
CA LYS A 58 -3.38 0.16 -17.25
C LYS A 58 -3.62 1.16 -16.11
N GLU A 59 -2.90 1.02 -15.01
CA GLU A 59 -3.01 1.95 -13.88
C GLU A 59 -2.72 3.39 -14.28
N GLU A 60 -1.55 3.69 -14.86
CA GLU A 60 -1.25 5.07 -15.25
C GLU A 60 -2.24 5.50 -16.32
N GLU A 61 -2.61 4.60 -17.21
CA GLU A 61 -3.55 4.91 -18.29
C GLU A 61 -4.90 5.40 -17.81
N TRP A 62 -5.50 4.70 -16.86
CA TRP A 62 -6.81 5.10 -16.37
C TRP A 62 -6.70 6.29 -15.39
N PHE A 63 -5.59 6.35 -14.67
CA PHE A 63 -5.33 7.49 -13.82
C PHE A 63 -5.24 8.76 -14.67
N LYS A 64 -4.42 8.76 -15.72
CA LYS A 64 -4.35 9.91 -16.63
C LYS A 64 -5.75 10.19 -17.15
N ALA A 65 -6.47 9.15 -17.56
CA ALA A 65 -7.82 9.27 -18.11
C ALA A 65 -8.83 9.91 -17.13
N VAL A 66 -8.72 9.56 -15.84
CA VAL A 66 -9.65 10.11 -14.85
C VAL A 66 -9.27 11.57 -14.59
N SER A 67 -7.98 11.84 -14.44
CA SER A 67 -7.53 13.18 -14.08
C SER A 67 -7.91 14.16 -15.18
N GLU A 68 -7.67 13.77 -16.43
CA GLU A 68 -8.12 14.54 -17.58
C GLU A 68 -9.65 14.71 -17.61
N GLY A 69 -10.39 13.77 -17.04
CA GLY A 69 -11.85 13.83 -17.07
C GLY A 69 -12.53 14.59 -15.95
N LEU A 70 -11.78 14.96 -14.91
CA LEU A 70 -12.40 15.60 -13.73
C LEU A 70 -12.92 16.95 -14.15
N HIS A 71 -13.81 17.54 -13.37
CA HIS A 71 -14.44 18.83 -13.72
C HIS A 71 -13.43 19.97 -13.95
N PRO A 72 -13.48 20.60 -15.13
CA PRO A 72 -12.47 21.61 -15.45
C PRO A 72 -12.51 22.91 -14.63
N ASP A 73 -13.61 23.18 -13.92
CA ASP A 73 -13.75 24.42 -13.17
C ASP A 73 -13.01 24.40 -11.85
N ALA A 74 -12.43 23.28 -11.45
CA ALA A 74 -11.57 23.24 -10.27
C ALA A 74 -10.27 22.49 -10.53
N LYS A 75 -9.24 22.78 -9.72
CA LYS A 75 -8.03 21.98 -9.70
C LYS A 75 -8.13 20.94 -8.57
N TYR A 76 -7.76 19.70 -8.88
CA TYR A 76 -7.96 18.59 -7.97
C TYR A 76 -6.61 18.01 -7.60
N ALA A 77 -6.45 17.58 -6.36
CA ALA A 77 -5.25 16.92 -5.90
C ALA A 77 -5.63 15.47 -5.68
N LYS A 78 -4.76 14.56 -6.17
CA LYS A 78 -4.93 13.15 -5.88
C LYS A 78 -4.54 12.93 -4.43
N VAL A 79 -5.44 12.34 -3.65
CA VAL A 79 -5.18 12.06 -2.26
C VAL A 79 -4.62 10.67 -2.10
N LYS A 80 -5.26 9.68 -2.72
CA LYS A 80 -4.79 8.30 -2.60
C LYS A 80 -5.25 7.44 -3.78
N LEU A 81 -4.39 6.51 -4.17
CA LEU A 81 -4.70 5.52 -5.19
C LEU A 81 -4.50 4.16 -4.54
N ILE A 82 -5.42 3.21 -4.72
CA ILE A 82 -5.19 1.86 -4.21
C ILE A 82 -5.71 0.82 -5.21
N ARG A 83 -4.96 -0.29 -5.37
CA ARG A 83 -5.35 -1.32 -6.35
C ARG A 83 -5.02 -2.71 -5.87
N LEU A 84 -5.94 -3.64 -6.11
CA LEU A 84 -5.69 -5.07 -5.90
C LEU A 84 -6.02 -5.70 -7.23
N VAL A 85 -4.96 -6.09 -7.93
CA VAL A 85 -5.05 -6.64 -9.28
C VAL A 85 -5.86 -5.70 -10.20
N GLY A 86 -7.14 -5.99 -10.44
CA GLY A 86 -7.95 -5.24 -11.39
C GLY A 86 -8.91 -4.26 -10.76
N ILE A 87 -8.82 -4.10 -9.44
CA ILE A 87 -9.77 -3.32 -8.66
C ILE A 87 -9.06 -2.07 -8.13
N MET A 88 -9.40 -0.90 -8.67
CA MET A 88 -8.69 0.31 -8.30
C MET A 88 -9.66 1.35 -7.88
N LEU A 89 -9.26 2.12 -6.88
CA LEU A 89 -10.06 3.23 -6.35
C LEU A 89 -9.15 4.44 -6.25
N LEU A 90 -9.66 5.57 -6.71
CA LEU A 90 -8.94 6.84 -6.71
C LEU A 90 -9.71 7.83 -5.84
N LEU A 91 -9.01 8.58 -5.01
CA LEU A 91 -9.64 9.63 -4.25
C LEU A 91 -8.95 10.95 -4.57
N TYR A 92 -9.73 11.90 -5.08
CA TYR A 92 -9.27 13.26 -5.32
C TYR A 92 -10.14 14.25 -4.53
N VAL A 93 -9.55 15.36 -4.13
CA VAL A 93 -10.27 16.47 -3.54
C VAL A 93 -9.81 17.76 -4.22
N LYS A 94 -10.66 18.77 -4.23
CA LYS A 94 -10.24 20.06 -4.73
C LYS A 94 -9.00 20.51 -3.93
N GLN A 95 -8.09 21.18 -4.60
CA GLN A 95 -6.82 21.57 -3.96
C GLN A 95 -7.04 22.31 -2.64
N GLU A 96 -8.08 23.14 -2.59
CA GLU A 96 -8.35 23.94 -1.40
C GLU A 96 -8.81 23.13 -0.21
N HIS A 97 -9.23 21.88 -0.42
CA HIS A 97 -9.63 21.02 0.70
C HIS A 97 -8.50 20.14 1.23
N ALA A 98 -7.43 20.01 0.46
CA ALA A 98 -6.33 19.08 0.75
C ALA A 98 -5.84 19.17 2.19
N ALA A 99 -5.69 20.38 2.70
CA ALA A 99 -5.17 20.59 4.05
C ALA A 99 -6.08 20.03 5.13
N TYR A 100 -7.34 19.78 4.80
CA TYR A 100 -8.30 19.35 5.78
C TYR A 100 -8.56 17.86 5.71
N ILE A 101 -7.82 17.17 4.83
CA ILE A 101 -7.84 15.70 4.73
C ILE A 101 -6.70 15.12 5.56
N SER A 102 -7.03 14.19 6.44
CA SER A 102 -6.01 13.54 7.23
C SER A 102 -6.35 12.09 7.48
N GLU A 103 -5.39 11.40 8.09
CA GLU A 103 -5.50 10.01 8.48
C GLU A 103 -5.99 9.15 7.35
N VAL A 104 -5.37 9.33 6.20
CA VAL A 104 -5.71 8.56 5.02
C VAL A 104 -5.10 7.18 5.18
N GLU A 105 -5.92 6.14 4.99
CA GLU A 105 -5.45 4.75 5.02
C GLU A 105 -6.14 3.98 3.93
N ALA A 106 -5.43 3.03 3.34
CA ALA A 106 -5.97 2.26 2.24
C ALA A 106 -5.65 0.79 2.43
N GLU A 107 -6.62 -0.08 2.21
CA GLU A 107 -6.40 -1.50 2.37
C GLU A 107 -7.12 -2.30 1.33
N THR A 108 -6.70 -3.56 1.18
CA THR A 108 -7.30 -4.48 0.23
C THR A 108 -7.60 -5.87 0.85
N VAL A 109 -8.58 -6.54 0.26
CA VAL A 109 -8.98 -7.86 0.72
C VAL A 109 -9.38 -8.65 -0.51
N GLY A 110 -8.66 -9.75 -0.74
CA GLY A 110 -8.95 -10.67 -1.82
C GLY A 110 -9.95 -11.71 -1.37
N THR A 111 -10.94 -11.96 -2.20
CA THR A 111 -11.99 -12.91 -1.87
C THR A 111 -12.33 -13.82 -3.04
N GLY A 112 -11.37 -14.13 -3.89
CA GLY A 112 -11.62 -14.97 -5.06
C GLY A 112 -11.15 -16.38 -4.85
N ILE A 113 -10.10 -16.73 -5.60
CA ILE A 113 -9.56 -18.09 -5.58
C ILE A 113 -9.12 -18.44 -4.17
N MET A 114 -9.49 -19.64 -3.70
CA MET A 114 -9.23 -20.10 -2.32
C MET A 114 -9.86 -19.14 -1.29
N GLY A 115 -10.83 -18.35 -1.75
CA GLY A 115 -11.43 -17.36 -0.92
C GLY A 115 -10.48 -16.27 -0.49
N ARG A 116 -9.33 -16.12 -1.15
CA ARG A 116 -8.38 -15.09 -0.70
C ARG A 116 -7.56 -14.33 -1.75
N MET A 117 -7.64 -14.73 -3.02
CA MET A 117 -6.86 -14.06 -4.07
C MET A 117 -7.62 -12.92 -4.67
N GLY A 118 -6.90 -12.06 -5.36
CA GLY A 118 -7.44 -10.78 -5.78
C GLY A 118 -8.14 -10.70 -7.11
N ASN A 119 -8.53 -11.83 -7.70
CA ASN A 119 -9.36 -11.86 -8.91
C ASN A 119 -10.76 -11.28 -8.65
N LYS A 120 -11.20 -11.43 -7.40
CA LYS A 120 -12.37 -10.76 -6.87
C LYS A 120 -12.01 -10.24 -5.46
N GLY A 121 -12.77 -9.30 -4.93
CA GLY A 121 -12.48 -8.76 -3.60
C GLY A 121 -12.82 -7.29 -3.48
N GLY A 122 -12.12 -6.60 -2.58
CA GLY A 122 -12.45 -5.21 -2.29
C GLY A 122 -11.21 -4.39 -2.03
N VAL A 123 -11.30 -3.10 -2.31
CA VAL A 123 -10.30 -2.15 -1.83
C VAL A 123 -11.03 -1.00 -1.19
N ALA A 124 -10.35 -0.29 -0.31
CA ALA A 124 -10.97 0.81 0.44
C ALA A 124 -9.98 1.93 0.78
N ILE A 125 -10.47 3.17 0.81
CA ILE A 125 -9.71 4.31 1.29
C ILE A 125 -10.56 4.93 2.36
N ARG A 126 -10.04 5.08 3.56
CA ARG A 126 -10.73 5.88 4.56
C ARG A 126 -9.89 7.08 4.92
N PHE A 127 -10.56 8.10 5.41
CA PHE A 127 -9.89 9.32 5.74
C PHE A 127 -10.74 10.19 6.63
N GLN A 128 -10.10 11.18 7.21
CA GLN A 128 -10.84 12.18 7.93
C GLN A 128 -10.88 13.45 7.06
N PHE A 129 -12.06 14.08 6.99
CA PHE A 129 -12.23 15.35 6.28
C PHE A 129 -12.81 16.32 7.27
N HIS A 130 -12.02 17.32 7.64
CA HIS A 130 -12.36 18.20 8.76
C HIS A 130 -12.55 17.30 9.99
N ASN A 131 -13.74 17.23 10.56
CA ASN A 131 -13.95 16.35 11.70
C ASN A 131 -14.94 15.24 11.42
N THR A 132 -14.96 14.74 10.19
CA THR A 132 -15.85 13.67 9.81
C THR A 132 -15.04 12.53 9.20
N SER A 133 -15.40 11.30 9.60
CA SER A 133 -14.66 10.12 9.21
C SER A 133 -15.39 9.53 8.05
N ILE A 134 -14.67 9.16 6.99
CA ILE A 134 -15.30 8.66 5.75
C ILE A 134 -14.55 7.43 5.27
N CYS A 135 -15.30 6.45 4.77
CA CYS A 135 -14.69 5.27 4.19
C CYS A 135 -15.41 4.95 2.93
N VAL A 136 -14.64 4.73 1.86
CA VAL A 136 -15.15 4.46 0.53
C VAL A 136 -14.60 3.13 0.06
N VAL A 137 -15.48 2.20 -0.27
CA VAL A 137 -15.12 0.84 -0.66
C VAL A 137 -15.52 0.65 -2.10
N ASN A 138 -14.61 0.04 -2.86
CA ASN A 138 -14.87 -0.42 -4.22
C ASN A 138 -14.66 -1.94 -4.22
N SER A 139 -15.65 -2.68 -4.68
CA SER A 139 -15.57 -4.12 -4.60
C SER A 139 -16.02 -4.76 -5.88
N HIS A 140 -15.47 -5.94 -6.17
CA HIS A 140 -15.82 -6.74 -7.33
C HIS A 140 -16.16 -8.16 -6.85
N LEU A 141 -17.44 -8.51 -6.84
CA LEU A 141 -17.89 -9.73 -6.18
C LEU A 141 -18.11 -10.87 -7.16
N ALA A 142 -18.14 -12.09 -6.66
CA ALA A 142 -18.32 -13.33 -7.47
C ALA A 142 -19.26 -13.13 -8.63
N ALA A 143 -18.90 -13.65 -9.80
CA ALA A 143 -19.72 -13.56 -11.02
C ALA A 143 -20.72 -14.70 -11.29
N HIS A 144 -20.75 -15.77 -10.50
CA HIS A 144 -21.65 -16.90 -10.83
C HIS A 144 -23.10 -16.41 -11.05
N ILE A 145 -23.73 -16.78 -12.16
CA ILE A 145 -25.06 -16.25 -12.50
C ILE A 145 -26.13 -16.62 -11.45
N GLU A 146 -26.16 -17.87 -11.05
CA GLU A 146 -27.19 -18.38 -10.15
C GLU A 146 -26.85 -18.20 -8.67
N GLU A 147 -25.55 -18.30 -8.33
CA GLU A 147 -25.14 -18.54 -6.93
C GLU A 147 -24.68 -17.29 -6.25
N TYR A 148 -25.66 -16.47 -5.88
CA TYR A 148 -25.44 -15.22 -5.16
C TYR A 148 -24.85 -15.41 -3.77
N GLU A 149 -24.96 -16.61 -3.21
CA GLU A 149 -24.36 -16.90 -1.90
C GLU A 149 -22.87 -16.53 -1.90
N ARG A 150 -22.21 -16.74 -3.05
CA ARG A 150 -20.80 -16.41 -3.22
C ARG A 150 -20.53 -14.91 -3.16
N ARG A 151 -21.48 -14.11 -3.64
CA ARG A 151 -21.36 -12.67 -3.50
C ARG A 151 -21.55 -12.27 -2.06
N ASN A 152 -22.60 -12.76 -1.44
CA ASN A 152 -22.76 -12.56 -0.01
C ASN A 152 -21.51 -12.97 0.77
N GLN A 153 -20.89 -14.09 0.44
CA GLN A 153 -19.67 -14.47 1.16
C GLN A 153 -18.58 -13.44 0.93
N ASP A 154 -18.42 -12.94 -0.29
CA ASP A 154 -17.39 -11.94 -0.56
C ASP A 154 -17.67 -10.69 0.27
N TYR A 155 -18.92 -10.26 0.27
CA TYR A 155 -19.25 -9.09 1.03
C TYR A 155 -18.99 -9.29 2.53
N LYS A 156 -19.33 -10.44 3.08
CA LYS A 156 -19.11 -10.68 4.51
C LYS A 156 -17.62 -10.66 4.80
N ASP A 157 -16.82 -11.21 3.89
CA ASP A 157 -15.38 -11.32 4.10
C ASP A 157 -14.63 -9.96 3.93
N ILE A 158 -15.10 -9.10 3.02
CA ILE A 158 -14.52 -7.77 2.92
C ILE A 158 -14.75 -7.05 4.28
N CYS A 159 -15.96 -7.13 4.78
CA CYS A 159 -16.29 -6.48 6.06
C CYS A 159 -15.47 -7.04 7.22
N SER A 160 -15.30 -8.35 7.31
CA SER A 160 -14.64 -8.88 8.48
C SER A 160 -13.10 -8.74 8.39
N ARG A 161 -12.55 -8.68 7.18
CA ARG A 161 -11.09 -8.74 7.03
C ARG A 161 -10.46 -7.38 6.76
N MET A 162 -11.26 -6.42 6.31
CA MET A 162 -10.75 -5.09 6.01
C MET A 162 -10.55 -4.34 7.33
N GLN A 163 -9.28 -4.06 7.64
CA GLN A 163 -8.89 -3.40 8.87
C GLN A 163 -7.90 -2.27 8.59
N PHE A 164 -8.22 -1.06 9.04
CA PHE A 164 -7.31 0.05 8.89
C PHE A 164 -6.57 0.25 10.21
N CYS A 165 -5.26 0.36 10.14
CA CYS A 165 -4.48 0.60 11.34
C CYS A 165 -4.57 2.06 11.74
N GLN A 166 -4.09 2.33 12.94
CA GLN A 166 -4.09 3.69 13.47
C GLN A 166 -2.69 4.09 13.94
N PRO A 167 -2.36 5.40 13.83
CA PRO A 167 -1.10 5.95 14.35
C PRO A 167 -0.80 5.53 15.76
N ASP A 168 -1.82 5.61 16.62
CA ASP A 168 -1.67 5.17 18.01
C ASP A 168 -1.52 3.66 17.97
N PRO A 169 -0.35 3.15 18.35
CA PRO A 169 -0.14 1.73 18.23
C PRO A 169 -0.73 0.94 19.40
N SER A 170 -1.54 1.57 20.24
CA SER A 170 -2.21 0.86 21.31
C SER A 170 -3.73 0.86 21.11
N LEU A 171 -4.21 1.31 19.96
CA LEU A 171 -5.63 1.34 19.72
C LEU A 171 -6.04 0.20 18.79
N PRO A 172 -7.29 -0.27 18.90
CA PRO A 172 -7.78 -1.28 17.95
C PRO A 172 -7.81 -0.76 16.55
N PRO A 173 -7.72 -1.64 15.56
CA PRO A 173 -7.90 -1.17 14.18
C PRO A 173 -9.33 -0.76 13.86
N LEU A 174 -9.50 0.04 12.82
CA LEU A 174 -10.84 0.44 12.39
C LEU A 174 -11.30 -0.51 11.32
N THR A 175 -12.58 -0.85 11.35
CA THR A 175 -13.21 -1.61 10.29
C THR A 175 -14.00 -0.63 9.44
N ILE A 176 -14.56 -1.08 8.33
CA ILE A 176 -15.37 -0.24 7.45
C ILE A 176 -16.52 0.44 8.18
N SER A 177 -17.14 -0.27 9.10
CA SER A 177 -18.31 0.28 9.76
C SER A 177 -17.99 1.38 10.77
N ASN A 178 -16.72 1.57 11.12
CA ASN A 178 -16.34 2.55 12.15
C ASN A 178 -16.11 3.92 11.52
N HIS A 179 -17.08 4.38 10.74
CA HIS A 179 -16.95 5.65 10.05
C HIS A 179 -18.29 6.37 10.04
N ASP A 180 -18.25 7.70 10.14
CA ASP A 180 -19.47 8.49 10.14
C ASP A 180 -20.16 8.34 8.79
N VAL A 181 -19.37 8.10 7.74
CA VAL A 181 -19.90 8.06 6.40
C VAL A 181 -19.27 6.93 5.62
N ILE A 182 -20.08 6.05 5.05
CA ILE A 182 -19.55 4.97 4.24
C ILE A 182 -20.18 5.05 2.86
N LEU A 183 -19.33 5.12 1.83
CA LEU A 183 -19.78 4.92 0.45
C LEU A 183 -19.24 3.59 -0.07
N TRP A 184 -20.12 2.77 -0.63
CA TRP A 184 -19.74 1.48 -1.18
C TRP A 184 -20.19 1.42 -2.61
N LEU A 185 -19.26 1.12 -3.50
CA LEU A 185 -19.52 1.13 -4.94
C LEU A 185 -18.84 -0.09 -5.55
N GLY A 186 -19.26 -0.46 -6.75
CA GLY A 186 -18.58 -1.56 -7.46
C GLY A 186 -19.42 -2.33 -8.43
N ASP A 187 -18.78 -3.31 -9.07
CA ASP A 187 -19.49 -4.33 -9.84
C ASP A 187 -19.80 -5.38 -8.82
N LEU A 188 -21.02 -5.34 -8.31
CA LEU A 188 -21.41 -6.24 -7.25
C LEU A 188 -21.94 -7.54 -7.82
N ASN A 189 -22.32 -7.51 -9.10
CA ASN A 189 -22.61 -8.73 -9.88
C ASN A 189 -23.91 -9.47 -9.57
N TYR A 190 -24.79 -8.87 -8.78
CA TYR A 190 -26.11 -9.47 -8.55
C TYR A 190 -26.89 -9.33 -9.83
N ARG A 191 -27.69 -10.33 -10.16
CA ARG A 191 -28.36 -10.38 -11.45
C ARG A 191 -29.86 -10.40 -11.26
N ILE A 192 -30.60 -10.65 -12.34
CA ILE A 192 -32.05 -10.82 -12.28
C ILE A 192 -32.39 -12.32 -12.33
N GLU A 193 -33.36 -12.75 -11.53
CA GLU A 193 -33.69 -14.18 -11.45
C GLU A 193 -35.16 -14.51 -11.80
N GLU A 194 -35.40 -15.77 -12.15
CA GLU A 194 -36.73 -16.22 -12.59
C GLU A 194 -37.15 -15.67 -13.97
N LEU A 195 -37.12 -14.35 -14.15
CA LEU A 195 -37.59 -13.74 -15.40
C LEU A 195 -36.75 -14.14 -16.62
N ASP A 196 -37.44 -14.43 -17.72
CA ASP A 196 -36.82 -14.90 -18.97
C ASP A 196 -36.05 -13.76 -19.61
N VAL A 197 -35.01 -14.10 -20.37
CA VAL A 197 -34.16 -13.10 -21.02
C VAL A 197 -34.97 -12.25 -22.01
N GLU A 198 -36.03 -12.85 -22.56
CA GLU A 198 -36.97 -12.15 -23.43
C GLU A 198 -37.73 -11.07 -22.64
N LYS A 199 -38.35 -11.47 -21.52
CA LYS A 199 -39.15 -10.54 -20.72
C LYS A 199 -38.28 -9.41 -20.16
N VAL A 200 -37.06 -9.76 -19.78
CA VAL A 200 -36.15 -8.82 -19.14
C VAL A 200 -35.69 -7.75 -20.10
N LYS A 201 -35.52 -8.11 -21.37
CA LYS A 201 -35.15 -7.12 -22.38
C LYS A 201 -36.35 -6.24 -22.68
N LYS A 202 -37.52 -6.86 -22.86
CA LYS A 202 -38.75 -6.13 -23.20
C LYS A 202 -39.14 -5.15 -22.10
N LEU A 203 -39.07 -5.59 -20.85
CA LEU A 203 -39.29 -4.68 -19.74
C LEU A 203 -38.37 -3.47 -19.86
N ILE A 204 -37.11 -3.70 -20.24
CA ILE A 204 -36.15 -2.61 -20.44
C ILE A 204 -36.51 -1.72 -21.63
N GLU A 205 -37.08 -2.28 -22.68
CA GLU A 205 -37.59 -1.44 -23.79
C GLU A 205 -38.53 -0.37 -23.25
N GLU A 206 -39.64 -0.77 -22.64
CA GLU A 206 -40.67 0.17 -22.19
C GLU A 206 -40.33 0.88 -20.87
N LYS A 207 -39.07 0.76 -20.44
CA LYS A 207 -38.53 1.54 -19.33
C LYS A 207 -39.20 1.27 -17.98
N ASP A 208 -39.85 0.13 -17.82
CA ASP A 208 -40.52 -0.22 -16.56
C ASP A 208 -39.52 -0.89 -15.61
N PHE A 209 -38.64 -0.08 -15.05
CA PHE A 209 -37.58 -0.59 -14.19
C PHE A 209 -38.04 -0.91 -12.78
N GLN A 210 -39.29 -0.57 -12.45
CA GLN A 210 -39.80 -0.83 -11.12
C GLN A 210 -40.09 -2.33 -10.96
N MET A 211 -40.78 -2.92 -11.93
CA MET A 211 -41.14 -4.35 -11.89
C MET A 211 -39.90 -5.22 -11.88
N LEU A 212 -38.90 -4.84 -12.65
CA LEU A 212 -37.67 -5.61 -12.77
C LEU A 212 -36.93 -5.67 -11.44
N TYR A 213 -36.93 -4.55 -10.73
CA TYR A 213 -36.24 -4.44 -9.46
C TYR A 213 -36.73 -5.54 -8.51
N ALA A 214 -38.03 -5.81 -8.49
CA ALA A 214 -38.57 -6.86 -7.64
C ALA A 214 -37.87 -8.22 -7.79
N TYR A 215 -37.15 -8.43 -8.90
CA TYR A 215 -36.41 -9.67 -9.16
C TYR A 215 -34.88 -9.47 -9.13
N ASP A 216 -34.43 -8.26 -8.77
CA ASP A 216 -32.99 -8.00 -8.68
C ASP A 216 -32.44 -8.67 -7.44
N GLN A 217 -31.42 -9.49 -7.63
CA GLN A 217 -30.82 -10.28 -6.55
C GLN A 217 -30.34 -9.40 -5.40
N LEU A 218 -29.85 -8.21 -5.70
CA LEU A 218 -29.36 -7.34 -4.62
C LEU A 218 -30.52 -6.85 -3.78
N LYS A 219 -31.63 -6.45 -4.40
CA LYS A 219 -32.79 -6.01 -3.66
C LYS A 219 -33.20 -7.12 -2.70
N ILE A 220 -33.41 -8.31 -3.24
CA ILE A 220 -33.86 -9.45 -2.45
C ILE A 220 -32.98 -9.70 -1.21
N GLN A 221 -31.66 -9.73 -1.42
CA GLN A 221 -30.69 -10.06 -0.36
C GLN A 221 -30.60 -9.00 0.73
N VAL A 222 -30.68 -7.73 0.33
CA VAL A 222 -30.73 -6.62 1.28
C VAL A 222 -32.00 -6.73 2.16
N ALA A 223 -33.15 -7.01 1.56
CA ALA A 223 -34.36 -7.25 2.35
C ALA A 223 -34.22 -8.48 3.27
N ALA A 224 -33.44 -9.46 2.83
CA ALA A 224 -33.20 -10.68 3.64
C ALA A 224 -32.14 -10.47 4.72
N LYS A 225 -31.52 -9.29 4.69
CA LYS A 225 -30.52 -8.87 5.68
C LYS A 225 -29.24 -9.72 5.67
N THR A 226 -28.90 -10.26 4.50
CA THR A 226 -27.66 -11.01 4.31
C THR A 226 -26.50 -10.12 3.80
N VAL A 227 -26.79 -8.87 3.47
CA VAL A 227 -25.75 -7.92 3.04
C VAL A 227 -26.22 -6.47 3.15
N PHE A 228 -25.27 -5.56 3.29
CA PHE A 228 -25.56 -4.13 3.27
C PHE A 228 -26.59 -3.71 4.31
N GLU A 229 -26.43 -4.20 5.54
CA GLU A 229 -27.36 -3.82 6.62
C GLU A 229 -27.13 -2.35 6.89
N GLY A 230 -28.21 -1.59 6.83
CA GLY A 230 -28.18 -0.18 7.09
C GLY A 230 -27.85 0.70 5.89
N PHE A 231 -27.58 0.10 4.74
CA PHE A 231 -27.28 0.88 3.55
C PHE A 231 -28.54 1.25 2.73
N THR A 232 -28.41 2.32 1.95
CA THR A 232 -29.45 2.76 1.05
C THR A 232 -28.92 2.72 -0.35
N GLU A 233 -29.80 2.47 -1.31
CA GLU A 233 -29.50 2.65 -2.71
C GLU A 233 -30.57 3.57 -3.21
N GLY A 234 -30.21 4.51 -4.09
CA GLY A 234 -31.20 5.37 -4.71
C GLY A 234 -32.02 4.55 -5.66
N GLU A 235 -33.20 5.05 -6.04
CA GLU A 235 -34.01 4.36 -7.04
C GLU A 235 -33.20 4.18 -8.33
N LEU A 236 -33.30 2.98 -8.92
CA LEU A 236 -32.65 2.68 -10.18
C LEU A 236 -33.54 3.19 -11.29
N THR A 237 -33.18 4.34 -11.86
CA THR A 237 -33.96 4.96 -12.94
C THR A 237 -33.26 4.82 -14.29
N PHE A 238 -32.14 4.11 -14.33
CA PHE A 238 -31.40 3.83 -15.56
C PHE A 238 -31.43 2.34 -15.87
N GLN A 239 -31.29 1.99 -17.14
CA GLN A 239 -31.34 0.57 -17.55
C GLN A 239 -30.09 -0.19 -17.12
N PRO A 240 -30.23 -1.52 -16.94
CA PRO A 240 -29.11 -2.34 -16.54
C PRO A 240 -27.87 -2.11 -17.38
N THR A 241 -26.72 -2.23 -16.70
CA THR A 241 -25.44 -1.73 -17.19
C THR A 241 -24.55 -2.83 -17.74
N TYR A 242 -25.11 -4.03 -17.87
CA TYR A 242 -24.40 -5.23 -18.30
C TYR A 242 -25.43 -6.16 -18.94
N LYS A 243 -25.11 -6.88 -20.01
CA LYS A 243 -23.80 -6.92 -20.68
C LYS A 243 -23.99 -6.42 -22.12
N TYR A 244 -23.13 -5.51 -22.57
CA TYR A 244 -23.24 -4.91 -23.90
C TYR A 244 -22.14 -5.37 -24.85
N ASP A 245 -22.41 -5.31 -26.15
CA ASP A 245 -21.39 -5.47 -27.17
C ASP A 245 -20.43 -4.29 -27.05
N THR A 246 -19.13 -4.58 -26.96
CA THR A 246 -18.13 -3.53 -26.88
C THR A 246 -18.32 -2.64 -28.08
N GLY A 247 -18.26 -1.34 -27.86
CA GLY A 247 -18.36 -0.37 -28.93
C GLY A 247 -19.77 -0.13 -29.41
N SER A 248 -20.76 -0.54 -28.61
CA SER A 248 -22.18 -0.27 -28.92
C SER A 248 -23.10 -0.37 -27.71
N ASP A 249 -24.41 -0.25 -27.96
CA ASP A 249 -25.46 -0.39 -26.94
C ASP A 249 -26.33 -1.65 -27.11
N ASP A 250 -25.90 -2.58 -27.95
CA ASP A 250 -26.60 -3.86 -28.12
C ASP A 250 -26.15 -4.85 -27.06
N TRP A 251 -27.01 -5.82 -26.75
CA TRP A 251 -26.70 -6.82 -25.72
C TRP A 251 -25.85 -7.99 -26.24
N ASP A 252 -25.14 -8.64 -25.32
CA ASP A 252 -24.47 -9.92 -25.58
C ASP A 252 -24.72 -10.87 -24.40
N THR A 253 -25.08 -12.11 -24.68
CA THR A 253 -25.53 -13.03 -23.61
C THR A 253 -25.02 -14.47 -23.76
N SER A 254 -23.87 -14.74 -23.13
CA SER A 254 -23.25 -16.08 -23.10
C SER A 254 -23.76 -16.89 -21.92
N ARG A 258 -28.45 -15.75 -19.09
CA ARG A 258 -27.74 -14.49 -18.84
C ARG A 258 -28.59 -13.38 -19.42
N ALA A 259 -29.56 -12.94 -18.62
CA ALA A 259 -30.30 -11.72 -18.91
C ALA A 259 -29.44 -10.52 -18.54
N PRO A 260 -29.79 -9.33 -19.07
CA PRO A 260 -29.21 -8.09 -18.59
C PRO A 260 -29.29 -7.98 -17.08
N ALA A 261 -28.46 -7.12 -16.49
CA ALA A 261 -28.32 -7.07 -15.05
C ALA A 261 -27.83 -5.71 -14.56
N TRP A 262 -28.27 -5.31 -13.38
CA TRP A 262 -27.74 -4.12 -12.73
C TRP A 262 -26.50 -4.55 -11.96
N CYS A 263 -25.46 -4.90 -12.68
CA CYS A 263 -24.24 -5.34 -12.03
C CYS A 263 -23.63 -4.26 -11.15
N ASP A 264 -23.69 -3.02 -11.63
CA ASP A 264 -22.86 -1.94 -11.13
C ASP A 264 -23.67 -0.95 -10.29
N ARG A 265 -23.29 -0.82 -9.02
CA ARG A 265 -24.12 -0.18 -7.99
C ARG A 265 -23.33 0.73 -7.05
N ILE A 266 -24.05 1.66 -6.44
CA ILE A 266 -23.50 2.54 -5.41
C ILE A 266 -24.46 2.58 -4.24
N LEU A 267 -24.01 2.18 -3.06
CA LEU A 267 -24.83 2.26 -1.85
C LEU A 267 -24.09 3.11 -0.80
N TRP A 268 -24.80 3.51 0.25
CA TRP A 268 -24.27 4.40 1.28
C TRP A 268 -24.95 4.28 2.65
N LYS A 269 -24.21 4.58 3.70
CA LYS A 269 -24.82 4.82 4.98
C LYS A 269 -24.10 5.84 5.81
N GLY A 270 -24.89 6.64 6.54
CA GLY A 270 -24.39 7.74 7.32
C GLY A 270 -25.48 8.78 7.50
N LYS A 271 -25.38 9.53 8.58
CA LYS A 271 -26.18 10.75 8.75
C LYS A 271 -25.70 11.81 7.75
N ASN A 272 -26.55 12.79 7.50
CA ASN A 272 -26.21 13.94 6.67
C ASN A 272 -25.68 13.58 5.30
N ILE A 273 -26.31 12.62 4.65
CA ILE A 273 -25.99 12.26 3.27
C ILE A 273 -27.25 12.39 2.44
N THR A 274 -27.21 13.18 1.38
CA THR A 274 -28.36 13.33 0.50
C THR A 274 -27.90 12.96 -0.90
N GLN A 275 -28.65 12.14 -1.62
CA GLN A 275 -28.22 11.71 -2.95
C GLN A 275 -28.83 12.61 -3.98
N LEU A 276 -28.00 13.25 -4.81
CA LEU A 276 -28.52 14.23 -5.76
C LEU A 276 -28.86 13.59 -7.11
N SER A 277 -28.21 12.46 -7.40
CA SER A 277 -28.37 11.79 -8.68
C SER A 277 -27.83 10.35 -8.62
N TYR A 278 -28.39 9.47 -9.47
CA TYR A 278 -27.91 8.11 -9.65
C TYR A 278 -28.11 7.73 -11.10
N GLN A 279 -27.02 7.61 -11.86
CA GLN A 279 -27.10 7.45 -13.34
C GLN A 279 -26.16 6.37 -13.86
N SER A 280 -26.47 5.85 -15.05
CA SER A 280 -25.47 5.21 -15.89
C SER A 280 -25.12 6.16 -17.04
N HIS A 281 -24.13 5.79 -17.83
CA HIS A 281 -23.65 6.63 -18.91
C HIS A 281 -23.48 5.77 -20.14
N MET A 282 -24.55 5.66 -20.91
CA MET A 282 -24.61 4.77 -22.06
C MET A 282 -23.58 5.13 -23.11
N ALA A 283 -23.31 6.43 -23.28
CA ALA A 283 -22.47 6.87 -24.39
C ALA A 283 -21.03 6.33 -24.37
N LEU A 284 -20.54 5.88 -23.22
CA LEU A 284 -19.23 5.23 -23.16
C LEU A 284 -19.37 3.76 -23.55
N LYS A 285 -18.64 3.36 -24.59
CA LYS A 285 -18.80 2.04 -25.19
C LYS A 285 -17.47 1.28 -25.22
N THR A 286 -16.55 1.64 -24.35
CA THR A 286 -15.26 0.97 -24.35
C THR A 286 -15.37 -0.44 -23.77
N SER A 287 -16.33 -0.62 -22.86
CA SER A 287 -16.51 -1.86 -22.13
C SER A 287 -17.84 -2.56 -22.38
N ASP A 288 -17.94 -3.80 -21.90
CA ASP A 288 -19.21 -4.55 -21.90
C ASP A 288 -20.14 -4.12 -20.74
N HIS A 289 -19.62 -3.33 -19.80
CA HIS A 289 -20.47 -2.60 -18.83
C HIS A 289 -20.54 -1.13 -19.21
N LYS A 290 -21.58 -0.47 -18.74
CA LYS A 290 -21.60 1.00 -18.72
C LYS A 290 -21.17 1.51 -17.34
N PRO A 291 -20.57 2.71 -17.29
CA PRO A 291 -20.23 3.22 -15.97
C PRO A 291 -21.46 3.81 -15.30
N VAL A 292 -21.34 3.97 -13.99
CA VAL A 292 -22.42 4.44 -13.15
C VAL A 292 -21.82 5.53 -12.28
N SER A 293 -22.63 6.51 -11.92
CA SER A 293 -22.15 7.61 -11.11
C SER A 293 -23.26 8.07 -10.19
N SER A 294 -22.84 8.71 -9.09
CA SER A 294 -23.77 9.36 -8.20
C SER A 294 -23.10 10.57 -7.55
N VAL A 295 -23.86 11.65 -7.40
CA VAL A 295 -23.39 12.81 -6.66
C VAL A 295 -24.20 12.93 -5.37
N PHE A 296 -23.48 13.18 -4.28
CA PHE A 296 -24.08 13.37 -2.96
C PHE A 296 -23.71 14.73 -2.41
N ASP A 297 -24.67 15.35 -1.74
CA ASP A 297 -24.39 16.44 -0.81
C ASP A 297 -24.19 15.75 0.53
N ILE A 298 -22.97 15.79 1.08
CA ILE A 298 -22.69 15.23 2.39
C ILE A 298 -22.36 16.30 3.43
N GLY A 299 -23.01 16.23 4.58
CA GLY A 299 -22.75 17.16 5.64
C GLY A 299 -21.52 16.74 6.41
N VAL A 300 -20.52 17.61 6.47
CA VAL A 300 -19.29 17.36 7.18
C VAL A 300 -19.19 18.33 8.35
N ARG A 301 -18.77 17.85 9.52
CA ARG A 301 -18.64 18.70 10.70
C ARG A 301 -17.32 19.43 10.63
N VAL A 302 -17.41 20.74 10.60
CA VAL A 302 -16.28 21.63 10.46
C VAL A 302 -16.09 22.37 11.76
N VAL A 303 -14.89 22.28 12.33
CA VAL A 303 -14.58 22.93 13.62
C VAL A 303 -13.40 23.87 13.49
N MET B 1 16.14 28.15 11.36
CA MET B 1 16.29 27.69 9.95
C MET B 1 16.52 26.18 9.91
N ILE B 2 17.56 25.72 10.61
CA ILE B 2 17.97 24.31 10.63
C ILE B 2 18.09 23.81 12.06
N GLN B 3 17.15 22.96 12.47
CA GLN B 3 17.20 22.30 13.77
C GLN B 3 17.57 20.84 13.56
N ASN B 4 18.32 20.25 14.49
CA ASN B 4 18.74 18.84 14.38
C ASN B 4 17.76 17.89 15.10
N PHE B 5 17.49 16.74 14.47
CA PHE B 5 16.66 15.70 15.05
C PHE B 5 17.40 14.36 15.06
N ARG B 6 17.11 13.56 16.08
CA ARG B 6 17.71 12.22 16.24
C ARG B 6 16.93 11.24 15.38
N PHE B 7 17.65 10.60 14.45
CA PHE B 7 17.08 9.54 13.61
C PHE B 7 17.74 8.23 13.97
N PHE B 8 16.93 7.28 14.42
CA PHE B 8 17.36 5.91 14.58
C PHE B 8 17.12 5.16 13.28
N ALA B 9 18.15 4.45 12.81
CA ALA B 9 18.00 3.50 11.70
C ALA B 9 18.38 2.10 12.20
N GLY B 10 17.57 1.11 11.82
CA GLY B 10 17.84 -0.28 12.18
C GLY B 10 17.62 -1.21 10.99
N THR B 11 18.34 -2.33 11.00
CA THR B 11 18.15 -3.41 10.04
C THR B 11 18.39 -4.73 10.73
N TYR B 12 17.53 -5.71 10.46
CA TYR B 12 17.59 -7.00 11.16
C TYR B 12 17.02 -8.08 10.26
N ASN B 13 17.86 -9.05 9.93
CA ASN B 13 17.44 -10.18 9.15
C ASN B 13 17.04 -11.25 10.14
N VAL B 14 15.73 -11.46 10.26
CA VAL B 14 15.20 -12.33 11.30
C VAL B 14 15.12 -13.81 10.88
N ASN B 15 15.55 -14.13 9.66
CA ASN B 15 15.61 -15.53 9.24
C ASN B 15 14.28 -16.26 9.49
N GLY B 16 13.19 -15.60 9.16
CA GLY B 16 11.86 -16.21 9.21
C GLY B 16 11.36 -16.55 10.60
N GLN B 17 11.95 -15.92 11.61
CA GLN B 17 11.63 -16.23 13.00
C GLN B 17 10.56 -15.29 13.54
N SER B 18 9.82 -15.77 14.53
CA SER B 18 8.97 -14.91 15.31
C SER B 18 9.87 -14.23 16.33
N PRO B 19 9.49 -12.99 16.76
CA PRO B 19 10.20 -12.31 17.83
C PRO B 19 10.14 -13.10 19.14
N LYS B 20 11.27 -13.68 19.51
CA LYS B 20 11.42 -14.48 20.75
C LYS B 20 12.02 -13.67 21.91
N GLU B 21 12.57 -12.49 21.62
CA GLU B 21 13.29 -11.68 22.60
C GLU B 21 12.78 -10.23 22.63
N CYS B 22 12.90 -9.59 23.79
CA CYS B 22 12.68 -8.14 23.91
C CYS B 22 13.64 -7.34 22.99
N LEU B 23 13.12 -6.32 22.30
CA LEU B 23 13.92 -5.61 21.29
C LEU B 23 14.54 -4.30 21.79
N ARG B 24 14.38 -4.01 23.08
CA ARG B 24 14.95 -2.80 23.68
C ARG B 24 16.47 -2.76 23.43
N LEU B 25 17.10 -3.93 23.51
CA LEU B 25 18.56 -4.04 23.39
C LEU B 25 19.08 -3.51 22.05
N TRP B 26 18.22 -3.52 21.05
CA TRP B 26 18.53 -3.04 19.71
C TRP B 26 18.00 -1.61 19.48
N LEU B 27 16.79 -1.36 19.99
CA LEU B 27 16.02 -0.15 19.66
C LEU B 27 16.18 0.98 20.66
N SER B 28 16.52 0.67 21.90
CA SER B 28 16.71 1.72 22.90
C SER B 28 17.63 1.30 24.05
N ASN B 29 18.91 1.07 23.70
CA ASN B 29 19.93 0.62 24.66
C ASN B 29 20.91 1.73 25.01
N GLY B 30 20.58 2.53 26.03
CA GLY B 30 21.46 3.61 26.50
C GLY B 30 21.64 4.77 25.53
N ILE B 31 20.59 5.07 24.78
CA ILE B 31 20.54 6.24 23.86
C ILE B 31 19.39 7.16 24.30
N GLN B 32 19.47 8.44 23.97
CA GLN B 32 18.31 9.34 24.20
C GLN B 32 17.18 8.89 23.27
N ALA B 33 15.92 9.14 23.66
CA ALA B 33 14.78 8.76 22.82
C ALA B 33 14.88 9.43 21.44
N PRO B 34 14.95 8.63 20.35
CA PRO B 34 14.98 9.20 19.01
C PRO B 34 13.74 10.03 18.67
N ASP B 35 13.91 10.94 17.72
CA ASP B 35 12.80 11.73 17.21
C ASP B 35 12.13 10.95 16.11
N VAL B 36 12.91 10.24 15.32
CA VAL B 36 12.37 9.44 14.21
C VAL B 36 12.96 8.03 14.22
N TYR B 37 12.09 7.04 14.09
CA TYR B 37 12.49 5.63 14.04
C TYR B 37 12.21 5.06 12.66
N CYS B 38 13.26 4.55 12.02
CA CYS B 38 13.14 3.84 10.75
C CYS B 38 13.71 2.43 10.96
N VAL B 39 12.87 1.40 10.96
CA VAL B 39 13.32 0.05 11.30
C VAL B 39 13.03 -0.97 10.21
N GLY B 40 14.08 -1.67 9.80
CA GLY B 40 14.01 -2.57 8.66
C GLY B 40 14.29 -4.01 8.98
N PHE B 41 13.51 -4.89 8.34
CA PHE B 41 13.68 -6.32 8.50
C PHE B 41 13.93 -6.94 7.15
N GLN B 42 14.50 -8.14 7.17
CA GLN B 42 14.50 -8.99 6.01
C GLN B 42 14.20 -10.39 6.48
N GLU B 43 13.60 -11.19 5.58
CA GLU B 43 13.18 -12.57 5.86
C GLU B 43 12.21 -12.60 7.04
N LEU B 44 11.26 -11.66 7.03
CA LEU B 44 10.23 -11.61 8.06
C LEU B 44 9.43 -12.94 8.12
N ASP B 45 9.15 -13.51 6.94
CA ASP B 45 8.48 -14.81 6.83
C ASP B 45 8.99 -15.60 5.60
N LEU B 46 9.56 -16.78 5.85
CA LEU B 46 10.15 -17.61 4.80
C LEU B 46 9.21 -18.69 4.27
N SER B 47 8.02 -18.77 4.84
CA SER B 47 7.04 -19.72 4.36
C SER B 47 6.67 -19.44 2.92
N LYS B 48 6.31 -20.49 2.20
CA LYS B 48 5.90 -20.38 0.81
C LYS B 48 4.57 -19.65 0.73
N GLU B 49 3.68 -19.96 1.68
CA GLU B 49 2.39 -19.31 1.78
C GLU B 49 2.52 -17.78 1.79
N ALA B 50 3.43 -17.27 2.61
CA ALA B 50 3.68 -15.84 2.65
C ALA B 50 4.25 -15.35 1.32
N PHE B 51 5.12 -16.15 0.70
CA PHE B 51 5.69 -15.77 -0.59
C PHE B 51 4.58 -15.66 -1.62
N PHE B 52 3.61 -16.53 -1.49
CA PHE B 52 2.57 -16.63 -2.48
C PHE B 52 1.44 -15.62 -2.27
N PHE B 53 0.98 -15.48 -1.02
CA PHE B 53 -0.25 -14.74 -0.72
C PHE B 53 -0.02 -13.39 -0.06
N HIS B 54 1.24 -13.04 0.19
CA HIS B 54 1.66 -11.82 0.92
C HIS B 54 1.37 -11.89 2.42
N ASP B 55 0.13 -12.14 2.78
CA ASP B 55 -0.28 -12.22 4.17
C ASP B 55 0.64 -13.09 5.02
N THR B 56 0.92 -12.62 6.23
CA THR B 56 1.70 -13.36 7.20
C THR B 56 1.43 -12.80 8.57
N PRO B 57 1.25 -13.67 9.56
CA PRO B 57 1.04 -13.19 10.93
C PRO B 57 2.30 -12.63 11.57
N LYS B 58 3.44 -12.81 10.90
CA LYS B 58 4.70 -12.28 11.41
C LYS B 58 4.82 -10.77 11.26
N GLU B 59 4.06 -10.18 10.33
CA GLU B 59 4.05 -8.72 10.18
C GLU B 59 3.62 -8.07 11.49
N GLU B 60 2.47 -8.50 12.00
CA GLU B 60 1.95 -7.95 13.24
C GLU B 60 2.82 -8.36 14.43
N GLU B 61 3.39 -9.56 14.41
CA GLU B 61 4.26 -10.00 15.49
C GLU B 61 5.42 -9.03 15.69
N TRP B 62 6.13 -8.71 14.62
CA TRP B 62 7.33 -7.86 14.72
C TRP B 62 7.00 -6.38 14.90
N PHE B 63 5.93 -5.93 14.25
CA PHE B 63 5.45 -4.59 14.45
C PHE B 63 5.13 -4.31 15.93
N LYS B 64 4.44 -5.26 16.57
CA LYS B 64 4.20 -5.16 17.98
C LYS B 64 5.51 -5.28 18.77
N ALA B 65 6.43 -6.13 18.34
CA ALA B 65 7.70 -6.28 19.07
C ALA B 65 8.48 -4.97 19.05
N VAL B 66 8.53 -4.38 17.86
CA VAL B 66 9.24 -3.13 17.65
C VAL B 66 8.58 -2.04 18.48
N SER B 67 7.26 -1.94 18.41
CA SER B 67 6.55 -0.89 19.13
C SER B 67 6.88 -0.94 20.61
N GLU B 68 6.88 -2.14 21.14
CA GLU B 68 7.14 -2.40 22.55
C GLU B 68 8.59 -2.17 22.94
N GLY B 69 9.48 -2.16 21.94
CA GLY B 69 10.91 -1.91 22.15
C GLY B 69 11.36 -0.48 21.93
N LEU B 70 10.52 0.37 21.36
CA LEU B 70 10.87 1.79 21.17
C LEU B 70 11.15 2.44 22.54
N HIS B 71 11.96 3.50 22.52
CA HIS B 71 12.40 4.15 23.74
C HIS B 71 11.22 4.65 24.57
N PRO B 72 11.16 4.26 25.85
CA PRO B 72 9.98 4.46 26.68
C PRO B 72 9.71 5.90 27.12
N ASP B 73 10.66 6.80 26.87
CA ASP B 73 10.52 8.20 27.28
C ASP B 73 9.52 8.99 26.43
N ALA B 74 9.20 8.51 25.23
CA ALA B 74 8.23 9.20 24.38
C ALA B 74 7.16 8.25 23.88
N LYS B 75 6.04 8.83 23.47
CA LYS B 75 4.97 8.13 22.79
C LYS B 75 5.23 8.35 21.31
N TYR B 76 5.43 7.27 20.57
CA TYR B 76 5.65 7.35 19.13
C TYR B 76 4.37 7.05 18.36
N ALA B 77 4.24 7.65 17.19
CA ALA B 77 3.14 7.38 16.27
C ALA B 77 3.71 6.67 15.03
N LYS B 78 2.98 5.68 14.54
CA LYS B 78 3.41 4.93 13.38
C LYS B 78 2.97 5.68 12.15
N VAL B 79 3.96 6.17 11.39
CA VAL B 79 3.70 6.95 10.18
C VAL B 79 3.39 6.05 8.98
N LYS B 80 4.17 4.96 8.83
CA LYS B 80 4.01 4.05 7.70
C LYS B 80 4.66 2.69 7.90
N LEU B 81 4.01 1.67 7.34
CA LEU B 81 4.56 0.32 7.24
C LEU B 81 4.47 -0.09 5.77
N ILE B 82 5.58 -0.59 5.25
CA ILE B 82 5.60 -1.19 3.93
C ILE B 82 6.33 -2.53 3.98
N ARG B 83 5.78 -3.50 3.26
CA ARG B 83 6.36 -4.82 3.21
C ARG B 83 6.21 -5.43 1.81
N LEU B 84 7.27 -6.11 1.36
CA LEU B 84 7.25 -6.94 0.17
C LEU B 84 7.75 -8.31 0.58
N VAL B 85 6.83 -9.26 0.68
CA VAL B 85 7.12 -10.58 1.24
C VAL B 85 7.77 -10.41 2.62
N GLY B 86 9.08 -10.62 2.74
CA GLY B 86 9.76 -10.54 4.04
C GLY B 86 10.63 -9.30 4.25
N ILE B 87 10.51 -8.33 3.34
CA ILE B 87 11.27 -7.10 3.40
C ILE B 87 10.32 -6.04 3.93
N MET B 88 10.42 -5.73 5.22
CA MET B 88 9.51 -4.77 5.86
C MET B 88 10.29 -3.59 6.44
N LEU B 89 9.71 -2.39 6.26
CA LEU B 89 10.24 -1.16 6.81
C LEU B 89 9.10 -0.42 7.54
N LEU B 90 9.37 -0.01 8.79
CA LEU B 90 8.43 0.77 9.59
C LEU B 90 9.00 2.18 9.80
N LEU B 91 8.15 3.18 9.83
CA LEU B 91 8.58 4.53 10.17
C LEU B 91 7.72 5.01 11.32
N TYR B 92 8.37 5.38 12.43
CA TYR B 92 7.72 6.02 13.57
C TYR B 92 8.32 7.40 13.83
N VAL B 93 7.49 8.31 14.37
CA VAL B 93 7.98 9.58 14.91
C VAL B 93 7.33 9.86 16.27
N LYS B 94 8.08 10.50 17.18
CA LYS B 94 7.51 11.00 18.43
C LYS B 94 6.21 11.71 18.09
N GLN B 95 5.18 11.52 18.91
CA GLN B 95 3.90 12.13 18.63
C GLN B 95 4.01 13.64 18.33
N GLU B 96 4.86 14.35 19.09
CA GLU B 96 4.98 15.80 18.88
C GLU B 96 5.43 16.24 17.47
N HIS B 97 6.07 15.32 16.74
CA HIS B 97 6.53 15.59 15.36
C HIS B 97 5.55 15.16 14.29
N ALA B 98 4.50 14.44 14.66
CA ALA B 98 3.56 13.88 13.69
C ALA B 98 2.86 14.97 12.86
N ALA B 99 2.55 16.11 13.47
CA ALA B 99 1.87 17.19 12.74
C ALA B 99 2.72 17.77 11.60
N TYR B 100 4.04 17.49 11.62
CA TYR B 100 4.98 18.09 10.67
C TYR B 100 5.52 17.06 9.67
N ILE B 101 4.95 15.86 9.69
CA ILE B 101 5.20 14.84 8.68
C ILE B 101 4.12 14.98 7.60
N SER B 102 4.53 15.06 6.34
CA SER B 102 3.60 15.11 5.20
C SER B 102 4.19 14.41 3.98
N GLU B 103 3.39 14.31 2.91
CA GLU B 103 3.82 13.68 1.67
C GLU B 103 4.42 12.28 1.84
N VAL B 104 3.82 11.46 2.73
CA VAL B 104 4.32 10.10 2.94
C VAL B 104 3.99 9.16 1.76
N GLU B 105 4.99 8.41 1.29
CA GLU B 105 4.80 7.50 0.17
C GLU B 105 5.72 6.28 0.32
N ALA B 106 5.19 5.11 -0.04
CA ALA B 106 5.92 3.87 0.07
C ALA B 106 5.81 3.13 -1.24
N GLU B 107 6.91 2.62 -1.74
CA GLU B 107 6.86 1.70 -2.86
C GLU B 107 7.69 0.45 -2.58
N THR B 108 7.47 -0.56 -3.44
CA THR B 108 8.26 -1.79 -3.40
C THR B 108 8.73 -2.12 -4.83
N VAL B 109 9.95 -2.63 -4.91
CA VAL B 109 10.51 -3.17 -6.13
C VAL B 109 11.14 -4.55 -5.84
N GLY B 110 10.62 -5.59 -6.48
CA GLY B 110 11.21 -6.92 -6.39
C GLY B 110 12.29 -7.15 -7.44
N THR B 111 13.36 -7.82 -7.03
CA THR B 111 14.51 -7.99 -7.89
C THR B 111 15.10 -9.41 -7.79
N GLY B 112 14.32 -10.35 -7.27
CA GLY B 112 14.85 -11.68 -6.98
C GLY B 112 14.72 -12.61 -8.17
N ILE B 113 13.87 -13.62 -8.02
CA ILE B 113 13.56 -14.59 -9.07
C ILE B 113 13.15 -13.89 -10.37
N MET B 114 13.72 -14.35 -11.49
CA MET B 114 13.52 -13.71 -12.80
C MET B 114 13.70 -12.19 -12.73
N GLY B 115 14.57 -11.77 -11.81
CA GLY B 115 14.86 -10.37 -11.59
C GLY B 115 13.65 -9.52 -11.31
N ARG B 116 12.62 -10.07 -10.66
CA ARG B 116 11.43 -9.27 -10.33
C ARG B 116 10.53 -9.73 -9.19
N MET B 117 10.68 -10.95 -8.72
CA MET B 117 9.88 -11.37 -7.60
C MET B 117 10.49 -10.91 -6.28
N GLY B 118 9.62 -10.76 -5.28
CA GLY B 118 9.99 -10.15 -4.01
C GLY B 118 10.80 -10.95 -2.99
N ASN B 119 11.41 -12.07 -3.40
CA ASN B 119 12.31 -12.80 -2.50
C ASN B 119 13.60 -12.01 -2.23
N LYS B 120 13.88 -11.08 -3.12
CA LYS B 120 14.88 -10.04 -2.94
C LYS B 120 14.36 -8.78 -3.60
N GLY B 121 15.02 -7.68 -3.32
CA GLY B 121 14.58 -6.36 -3.75
C GLY B 121 14.70 -5.36 -2.64
N GLY B 122 13.90 -4.31 -2.74
CA GLY B 122 13.89 -3.25 -1.74
C GLY B 122 12.52 -2.62 -1.56
N VAL B 123 12.28 -2.10 -0.37
CA VAL B 123 11.09 -1.30 -0.09
C VAL B 123 11.62 0.05 0.32
N ALA B 124 10.77 1.07 0.26
CA ALA B 124 11.22 2.39 0.69
C ALA B 124 10.05 3.31 1.08
N ILE B 125 10.28 4.17 2.09
CA ILE B 125 9.29 5.14 2.51
C ILE B 125 9.94 6.49 2.40
N ARG B 126 9.32 7.39 1.66
CA ARG B 126 9.80 8.77 1.62
C ARG B 126 8.73 9.68 2.20
N PHE B 127 9.15 10.87 2.59
CA PHE B 127 8.25 11.80 3.25
C PHE B 127 8.95 13.15 3.44
N GLN B 128 8.15 14.18 3.72
CA GLN B 128 8.70 15.46 4.03
C GLN B 128 8.50 15.69 5.51
N PHE B 129 9.58 16.11 6.19
CA PHE B 129 9.53 16.50 7.59
C PHE B 129 9.91 17.98 7.63
N HIS B 130 8.95 18.79 8.08
CA HIS B 130 9.01 20.24 7.97
C HIS B 130 9.26 20.61 6.51
N ASN B 131 10.39 21.20 6.16
CA ASN B 131 10.68 21.49 4.75
C ASN B 131 11.84 20.67 4.20
N THR B 132 11.97 19.44 4.71
CA THR B 132 13.03 18.52 4.32
C THR B 132 12.41 17.24 3.78
N SER B 133 12.93 16.77 2.65
CA SER B 133 12.48 15.54 2.04
C SER B 133 13.44 14.41 2.42
N ILE B 134 12.89 13.35 3.00
CA ILE B 134 13.69 12.22 3.47
C ILE B 134 13.13 11.00 2.78
N CYS B 135 14.02 10.13 2.31
CA CYS B 135 13.63 8.84 1.73
C CYS B 135 14.46 7.76 2.36
N VAL B 136 13.77 6.70 2.80
CA VAL B 136 14.40 5.63 3.54
C VAL B 136 14.17 4.31 2.81
N VAL B 137 15.26 3.64 2.45
CA VAL B 137 15.19 2.40 1.71
C VAL B 137 15.69 1.25 2.52
N ASN B 138 14.99 0.13 2.41
CA ASN B 138 15.41 -1.14 3.00
C ASN B 138 15.51 -2.15 1.87
N SER B 139 16.68 -2.73 1.68
CA SER B 139 16.87 -3.68 0.58
C SER B 139 17.47 -4.98 1.09
N HIS B 140 17.00 -6.08 0.52
CA HIS B 140 17.61 -7.39 0.75
C HIS B 140 18.16 -7.82 -0.58
N LEU B 141 19.48 -7.84 -0.72
CA LEU B 141 20.11 -8.08 -2.03
C LEU B 141 20.52 -9.53 -2.16
N ALA B 142 20.89 -9.92 -3.38
CA ALA B 142 21.22 -11.32 -3.68
C ALA B 142 22.30 -11.91 -2.76
N ALA B 143 22.21 -13.21 -2.48
CA ALA B 143 23.01 -13.90 -1.44
C ALA B 143 24.15 -14.82 -1.93
N HIS B 144 24.44 -14.83 -3.23
CA HIS B 144 25.48 -15.72 -3.79
C HIS B 144 26.81 -15.36 -3.13
N ILE B 145 27.66 -16.36 -2.87
CA ILE B 145 28.93 -16.10 -2.20
C ILE B 145 29.85 -15.18 -3.03
N GLU B 146 30.09 -15.58 -4.27
CA GLU B 146 31.06 -14.90 -5.15
C GLU B 146 30.43 -13.86 -6.08
N GLU B 147 29.17 -14.07 -6.48
CA GLU B 147 28.58 -13.23 -7.51
C GLU B 147 28.04 -11.91 -6.96
N TYR B 148 28.97 -11.03 -6.61
CA TYR B 148 28.65 -9.67 -6.20
C TYR B 148 27.96 -8.86 -7.31
N GLU B 149 28.13 -9.25 -8.56
CA GLU B 149 27.42 -8.61 -9.67
C GLU B 149 25.90 -8.66 -9.50
N ARG B 150 25.38 -9.72 -8.89
CA ARG B 150 23.93 -9.84 -8.67
C ARG B 150 23.45 -8.78 -7.69
N ARG B 151 24.22 -8.55 -6.64
CA ARG B 151 23.92 -7.47 -5.70
C ARG B 151 23.97 -6.13 -6.42
N ASN B 152 25.02 -5.89 -7.19
CA ASN B 152 25.14 -4.67 -7.97
C ASN B 152 23.90 -4.47 -8.83
N GLN B 153 23.46 -5.54 -9.50
CA GLN B 153 22.28 -5.46 -10.35
C GLN B 153 21.02 -5.13 -9.55
N ASP B 154 20.89 -5.74 -8.37
CA ASP B 154 19.74 -5.47 -7.51
C ASP B 154 19.66 -3.99 -7.08
N TYR B 155 20.80 -3.43 -6.67
CA TYR B 155 20.83 -2.01 -6.30
C TYR B 155 20.45 -1.12 -7.48
N LYS B 156 21.07 -1.37 -8.64
CA LYS B 156 20.77 -0.60 -9.85
C LYS B 156 19.27 -0.61 -10.17
N ASP B 157 18.65 -1.79 -10.13
CA ASP B 157 17.22 -1.96 -10.47
C ASP B 157 16.29 -1.33 -9.43
N ILE B 158 16.60 -1.49 -8.15
CA ILE B 158 15.85 -0.78 -7.12
C ILE B 158 15.91 0.72 -7.45
N CYS B 159 17.11 1.24 -7.70
CA CYS B 159 17.25 2.67 -7.97
C CYS B 159 16.45 3.11 -9.18
N SER B 160 16.47 2.33 -10.25
CA SER B 160 15.80 2.74 -11.49
C SER B 160 14.29 2.50 -11.45
N ARG B 161 13.85 1.38 -10.88
CA ARG B 161 12.42 1.02 -10.87
C ARG B 161 11.59 1.71 -9.78
N MET B 162 12.20 2.00 -8.62
CA MET B 162 11.51 2.62 -7.49
C MET B 162 11.12 4.04 -7.89
N GLN B 163 9.81 4.27 -8.00
CA GLN B 163 9.27 5.58 -8.35
C GLN B 163 8.16 5.94 -7.38
N PHE B 164 8.27 7.11 -6.74
CA PHE B 164 7.19 7.63 -5.91
C PHE B 164 6.46 8.67 -6.75
N CYS B 165 5.13 8.72 -6.61
CA CYS B 165 4.30 9.64 -7.41
C CYS B 165 4.43 11.10 -6.98
N LEU B 174 9.19 10.95 -8.55
CA LEU B 174 10.39 11.08 -7.71
C LEU B 174 11.17 9.76 -7.63
N THR B 175 12.48 9.84 -7.85
CA THR B 175 13.40 8.73 -7.57
C THR B 175 13.90 8.83 -6.14
N ILE B 176 14.53 7.76 -5.68
CA ILE B 176 15.22 7.75 -4.39
C ILE B 176 16.17 8.95 -4.28
N SER B 177 16.97 9.15 -5.33
CA SER B 177 17.97 10.22 -5.37
C SER B 177 17.40 11.63 -5.16
N ASN B 178 16.13 11.85 -5.52
CA ASN B 178 15.54 13.17 -5.45
C ASN B 178 15.04 13.50 -4.04
N HIS B 179 15.96 13.46 -3.08
CA HIS B 179 15.63 13.68 -1.67
C HIS B 179 16.81 14.34 -0.94
N ASP B 180 16.51 15.35 -0.11
CA ASP B 180 17.53 16.01 0.72
C ASP B 180 18.32 14.96 1.51
N VAL B 181 17.61 14.02 2.15
CA VAL B 181 18.24 12.95 2.95
C VAL B 181 17.83 11.58 2.43
N ILE B 182 18.80 10.70 2.24
CA ILE B 182 18.54 9.29 1.96
C ILE B 182 19.24 8.44 3.01
N LEU B 183 18.47 7.61 3.69
CA LEU B 183 19.05 6.56 4.50
C LEU B 183 18.81 5.29 3.74
N TRP B 184 19.85 4.48 3.58
CA TRP B 184 19.72 3.17 2.96
C TRP B 184 20.21 2.14 3.94
N LEU B 185 19.36 1.17 4.25
CA LEU B 185 19.72 0.15 5.20
C LEU B 185 19.40 -1.20 4.60
N GLY B 186 19.89 -2.26 5.23
CA GLY B 186 19.43 -3.59 4.90
C GLY B 186 20.43 -4.70 4.97
N ASP B 187 19.99 -5.86 4.49
CA ASP B 187 20.86 -7.02 4.30
C ASP B 187 21.41 -7.00 2.87
N LEU B 188 22.43 -6.18 2.67
CA LEU B 188 23.02 -5.99 1.35
C LEU B 188 23.84 -7.20 0.92
N ASN B 189 24.17 -8.06 1.88
CA ASN B 189 24.73 -9.39 1.60
C ASN B 189 26.12 -9.45 0.94
N TYR B 190 26.86 -8.35 0.97
CA TYR B 190 28.23 -8.35 0.46
C TYR B 190 29.17 -9.02 1.48
N ARG B 191 30.23 -9.67 0.98
CA ARG B 191 31.04 -10.57 1.78
C ARG B 191 32.51 -10.15 1.81
N ILE B 192 33.32 -10.98 2.46
CA ILE B 192 34.76 -10.85 2.40
C ILE B 192 35.24 -11.82 1.32
N GLU B 193 36.20 -11.36 0.50
CA GLU B 193 36.77 -12.15 -0.59
C GLU B 193 38.25 -12.45 -0.32
N GLU B 194 38.87 -13.29 -1.16
CA GLU B 194 40.27 -13.66 -1.00
C GLU B 194 40.55 -14.42 0.30
N LEU B 195 40.49 -13.71 1.43
CA LEU B 195 40.91 -14.23 2.74
C LEU B 195 40.32 -15.59 3.10
N ASP B 196 41.07 -16.36 3.89
CA ASP B 196 40.69 -17.73 4.24
C ASP B 196 39.55 -17.74 5.26
N VAL B 197 39.02 -18.94 5.53
CA VAL B 197 37.94 -19.12 6.51
C VAL B 197 38.48 -19.04 7.94
N GLU B 198 39.52 -19.83 8.23
CA GLU B 198 40.14 -19.85 9.56
C GLU B 198 40.71 -18.48 9.94
N LYS B 199 41.25 -17.76 8.96
CA LYS B 199 41.99 -16.51 9.21
C LYS B 199 41.09 -15.33 9.59
N VAL B 200 39.93 -15.22 8.95
CA VAL B 200 39.00 -14.12 9.21
C VAL B 200 38.49 -14.15 10.66
N LYS B 201 38.24 -15.34 11.17
CA LYS B 201 37.74 -15.51 12.54
C LYS B 201 38.76 -15.07 13.59
N LYS B 202 40.04 -15.32 13.33
CA LYS B 202 41.13 -14.93 14.25
C LYS B 202 41.40 -13.41 14.21
N LEU B 203 40.93 -12.74 13.16
CA LEU B 203 40.97 -11.28 13.07
C LEU B 203 39.83 -10.67 13.88
N ILE B 204 38.65 -11.29 13.82
CA ILE B 204 37.52 -10.90 14.67
C ILE B 204 37.87 -11.12 16.14
N GLU B 205 38.64 -12.17 16.41
CA GLU B 205 39.16 -12.41 17.76
C GLU B 205 40.11 -11.28 18.17
N GLU B 206 41.17 -11.06 17.39
CA GLU B 206 42.15 -9.99 17.67
C GLU B 206 41.58 -8.59 17.34
N LYS B 207 40.37 -8.54 16.78
CA LYS B 207 39.60 -7.29 16.63
C LYS B 207 40.20 -6.25 15.68
N ASP B 208 40.91 -6.71 14.66
CA ASP B 208 41.53 -5.84 13.65
C ASP B 208 40.56 -5.67 12.48
N PHE B 209 39.58 -4.78 12.64
CA PHE B 209 38.50 -4.60 11.65
C PHE B 209 38.93 -3.71 10.47
N GLN B 210 39.93 -2.86 10.68
CA GLN B 210 40.39 -1.96 9.63
C GLN B 210 41.02 -2.72 8.47
N MET B 211 41.66 -3.84 8.79
CA MET B 211 42.34 -4.67 7.79
C MET B 211 41.37 -5.66 7.13
N LEU B 212 40.27 -5.99 7.80
CA LEU B 212 39.25 -6.86 7.20
C LEU B 212 38.42 -6.10 6.17
N TYR B 213 38.15 -4.83 6.47
CA TYR B 213 37.36 -3.94 5.60
C TYR B 213 38.02 -3.66 4.25
N ALA B 214 39.34 -3.72 4.20
CA ALA B 214 40.05 -3.64 2.93
C ALA B 214 39.51 -4.68 1.94
N TYR B 215 39.29 -5.90 2.44
CA TYR B 215 38.86 -7.03 1.61
C TYR B 215 37.33 -7.26 1.64
N ASP B 216 36.55 -6.22 1.94
CA ASP B 216 35.09 -6.35 2.05
C ASP B 216 34.41 -5.92 0.76
N GLN B 217 33.60 -6.79 0.18
CA GLN B 217 32.98 -6.55 -1.14
C GLN B 217 32.30 -5.19 -1.31
N LEU B 218 31.61 -4.71 -0.29
CA LEU B 218 30.93 -3.42 -0.40
C LEU B 218 31.91 -2.25 -0.53
N LYS B 219 33.03 -2.33 0.20
CA LYS B 219 34.02 -1.25 0.20
C LYS B 219 34.77 -1.13 -1.12
N ILE B 220 34.83 -2.23 -1.86
CA ILE B 220 35.50 -2.30 -3.16
C ILE B 220 34.57 -1.81 -4.26
N GLN B 221 33.30 -2.20 -4.14
CA GLN B 221 32.31 -1.84 -5.15
C GLN B 221 31.99 -0.35 -5.14
N VAL B 222 31.92 0.24 -3.95
CA VAL B 222 31.76 1.68 -3.86
C VAL B 222 32.96 2.36 -4.51
N ALA B 223 34.16 1.97 -4.08
CA ALA B 223 35.40 2.51 -4.64
C ALA B 223 35.45 2.38 -6.17
N ALA B 224 34.88 1.31 -6.70
CA ALA B 224 34.80 1.11 -8.16
C ALA B 224 33.59 1.83 -8.79
N LYS B 225 32.90 2.65 -8.01
CA LYS B 225 31.75 3.41 -8.48
C LYS B 225 30.62 2.57 -9.10
N THR B 226 30.60 1.26 -8.79
CA THR B 226 29.64 0.34 -9.40
C THR B 226 28.28 0.42 -8.72
N VAL B 227 28.29 0.71 -7.41
CA VAL B 227 27.06 0.93 -6.64
C VAL B 227 27.27 1.98 -5.54
N PHE B 228 26.17 2.57 -5.08
CA PHE B 228 26.18 3.52 -3.96
C PHE B 228 27.04 4.77 -4.18
N GLU B 229 27.06 5.27 -5.42
CA GLU B 229 27.79 6.51 -5.73
C GLU B 229 27.27 7.63 -4.82
N GLY B 230 28.20 8.33 -4.16
CA GLY B 230 27.87 9.48 -3.31
C GLY B 230 27.44 9.19 -1.87
N PHE B 231 27.27 7.92 -1.50
CA PHE B 231 26.86 7.57 -0.14
C PHE B 231 28.05 7.48 0.82
N THR B 232 27.77 7.55 2.11
CA THR B 232 28.80 7.37 3.14
C THR B 232 28.34 6.29 4.10
N GLU B 233 29.26 5.39 4.44
CA GLU B 233 29.05 4.45 5.53
C GLU B 233 29.97 4.88 6.66
N GLY B 234 29.60 4.53 7.89
CA GLY B 234 30.49 4.74 9.02
C GLY B 234 31.60 3.70 9.08
N GLU B 235 32.56 3.93 9.96
CA GLU B 235 33.61 2.95 10.20
C GLU B 235 32.92 1.76 10.84
N LEU B 236 33.28 0.56 10.38
CA LEU B 236 32.79 -0.68 10.98
C LEU B 236 33.64 -1.04 12.19
N THR B 237 33.28 -0.44 13.33
CA THR B 237 33.90 -0.72 14.62
C THR B 237 33.46 -2.06 15.20
N PHE B 238 32.27 -2.53 14.77
CA PHE B 238 31.65 -3.75 15.30
C PHE B 238 31.97 -4.98 14.45
N GLN B 239 31.96 -6.15 15.08
CA GLN B 239 32.31 -7.38 14.39
C GLN B 239 31.18 -7.84 13.45
N PRO B 240 31.53 -8.66 12.45
CA PRO B 240 30.59 -9.20 11.46
C PRO B 240 29.30 -9.77 12.07
N THR B 241 28.21 -9.60 11.33
CA THR B 241 26.87 -9.90 11.83
C THR B 241 26.25 -11.15 11.21
N TYR B 242 27.05 -11.98 10.56
CA TYR B 242 26.56 -13.19 9.88
C TYR B 242 27.78 -14.02 9.56
N LYS B 243 27.71 -15.36 9.61
CA LYS B 243 26.53 -16.14 9.98
C LYS B 243 26.74 -16.77 11.36
N TYR B 244 25.70 -16.74 12.18
CA TYR B 244 25.75 -17.27 13.55
C TYR B 244 24.90 -18.52 13.74
N ASP B 245 25.34 -19.36 14.67
CA ASP B 245 24.47 -20.44 15.18
C ASP B 245 23.31 -19.79 15.95
N THR B 246 22.12 -20.35 15.81
CA THR B 246 20.92 -19.73 16.37
C THR B 246 20.90 -19.93 17.89
N GLY B 247 20.61 -18.84 18.61
CA GLY B 247 20.59 -18.86 20.06
C GLY B 247 21.97 -18.72 20.69
N SER B 248 22.93 -18.19 19.93
CA SER B 248 24.30 -18.08 20.40
C SER B 248 25.15 -17.08 19.62
N ASP B 249 26.40 -16.91 20.05
CA ASP B 249 27.40 -16.06 19.39
C ASP B 249 28.53 -16.89 18.72
N ASP B 250 28.21 -18.12 18.30
CA ASP B 250 29.15 -18.99 17.58
C ASP B 250 28.93 -18.87 16.06
N TRP B 251 29.87 -19.37 15.26
CA TRP B 251 29.86 -19.19 13.80
C TRP B 251 29.30 -20.38 13.00
N ASP B 252 28.82 -20.09 11.78
CA ASP B 252 28.51 -21.11 10.76
C ASP B 252 29.13 -20.78 9.40
N ALA B 259 31.84 -18.67 5.81
CA ALA B 259 32.56 -17.43 5.48
C ALA B 259 31.84 -16.21 6.07
N PRO B 260 32.35 -15.65 7.20
CA PRO B 260 31.69 -14.49 7.85
C PRO B 260 31.67 -13.23 7.01
N ALA B 261 30.84 -12.27 7.41
CA ALA B 261 30.57 -11.09 6.59
C ALA B 261 29.82 -10.00 7.35
N TRP B 262 30.03 -8.76 6.94
CA TRP B 262 29.16 -7.65 7.32
C TRP B 262 28.09 -7.61 6.25
N CYS B 263 27.09 -8.46 6.37
CA CYS B 263 25.97 -8.45 5.45
C CYS B 263 25.11 -7.21 5.67
N ASP B 264 25.03 -6.79 6.92
CA ASP B 264 24.02 -5.85 7.34
C ASP B 264 24.59 -4.43 7.56
N ARG B 265 24.11 -3.49 6.73
CA ARG B 265 24.72 -2.17 6.58
C ARG B 265 23.73 -1.03 6.56
N ILE B 266 24.16 0.13 7.04
CA ILE B 266 23.43 1.38 6.90
C ILE B 266 24.38 2.39 6.27
N LEU B 267 23.93 3.02 5.19
CA LEU B 267 24.67 4.09 4.53
C LEU B 267 23.75 5.29 4.39
N TRP B 268 24.28 6.43 3.93
CA TRP B 268 23.45 7.62 3.74
C TRP B 268 24.02 8.55 2.71
N LYS B 269 23.19 9.49 2.23
CA LYS B 269 23.69 10.66 1.54
C LYS B 269 22.73 11.85 1.63
N GLY B 270 23.30 13.03 1.84
CA GLY B 270 22.55 14.26 2.07
C GLY B 270 23.38 15.18 2.94
N LYS B 271 23.05 16.47 2.92
CA LYS B 271 23.77 17.44 3.72
C LYS B 271 23.13 17.50 5.12
N ASN B 272 23.95 17.87 6.11
CA ASN B 272 23.53 18.03 7.52
C ASN B 272 23.33 16.74 8.30
N ILE B 273 23.86 15.63 7.76
CA ILE B 273 23.79 14.34 8.42
C ILE B 273 25.08 14.11 9.18
N THR B 274 24.96 13.90 10.49
CA THR B 274 26.09 13.52 11.33
C THR B 274 25.72 12.19 11.97
N GLN B 275 26.52 11.16 11.71
CA GLN B 275 26.30 9.86 12.33
C GLN B 275 26.87 9.91 13.72
N LEU B 276 26.04 9.60 14.71
CA LEU B 276 26.47 9.63 16.11
C LEU B 276 26.92 8.26 16.58
N SER B 277 26.52 7.21 15.87
CA SER B 277 26.86 5.86 16.29
C SER B 277 26.54 4.88 15.17
N TYR B 278 27.16 3.70 15.25
CA TYR B 278 26.99 2.67 14.27
C TYR B 278 27.40 1.37 14.97
N GLN B 279 26.40 0.58 15.38
CA GLN B 279 26.60 -0.56 16.28
C GLN B 279 25.92 -1.81 15.76
N SER B 280 26.38 -2.97 16.19
CA SER B 280 25.62 -4.22 16.06
C SER B 280 25.22 -4.65 17.45
N HIS B 281 24.28 -5.59 17.55
CA HIS B 281 23.74 -5.97 18.85
C HIS B 281 23.84 -7.47 19.13
N MET B 282 25.01 -7.85 19.65
CA MET B 282 25.35 -9.26 19.88
C MET B 282 24.34 -9.99 20.76
N ALA B 283 23.89 -9.33 21.82
CA ALA B 283 23.02 -9.94 22.84
C ALA B 283 21.80 -10.72 22.31
N LEU B 284 21.19 -10.22 21.23
CA LEU B 284 19.98 -10.85 20.64
C LEU B 284 20.32 -12.03 19.73
N LYS B 285 19.89 -13.23 20.12
CA LYS B 285 20.32 -14.46 19.44
C LYS B 285 19.17 -15.21 18.76
N THR B 286 18.05 -14.52 18.51
CA THR B 286 16.88 -15.16 17.88
C THR B 286 17.15 -15.60 16.43
N SER B 287 17.96 -14.81 15.73
CA SER B 287 18.32 -15.04 14.33
C SER B 287 19.77 -15.46 14.16
N ASP B 288 20.12 -15.86 12.93
CA ASP B 288 21.51 -16.14 12.56
C ASP B 288 22.24 -14.87 12.12
N HIS B 289 21.50 -13.75 12.07
CA HIS B 289 22.08 -12.41 11.92
C HIS B 289 21.95 -11.65 13.24
N LYS B 290 22.88 -10.73 13.48
CA LYS B 290 22.74 -9.74 14.55
C LYS B 290 22.17 -8.46 13.97
N PRO B 291 21.32 -7.77 14.72
CA PRO B 291 20.74 -6.53 14.23
C PRO B 291 21.72 -5.38 14.33
N VAL B 292 21.57 -4.42 13.43
CA VAL B 292 22.46 -3.27 13.36
C VAL B 292 21.67 -2.00 13.51
N SER B 293 22.25 -1.02 14.20
CA SER B 293 21.62 0.28 14.38
C SER B 293 22.58 1.45 14.19
N SER B 294 22.02 2.60 13.84
CA SER B 294 22.81 3.82 13.77
C SER B 294 21.96 5.02 14.12
N VAL B 295 22.52 5.92 14.92
CA VAL B 295 21.81 7.13 15.30
C VAL B 295 22.43 8.33 14.59
N PHE B 296 21.57 9.18 14.07
CA PHE B 296 21.97 10.34 13.30
C PHE B 296 21.38 11.61 13.88
N ASP B 297 22.21 12.64 14.01
CA ASP B 297 21.70 14.01 14.05
C ASP B 297 21.41 14.37 12.59
N ILE B 298 20.20 14.77 12.29
CA ILE B 298 19.87 15.21 10.94
C ILE B 298 19.24 16.58 11.01
N GLY B 299 19.92 17.55 10.42
CA GLY B 299 19.41 18.92 10.33
C GLY B 299 18.24 18.95 9.38
N VAL B 300 17.18 19.66 9.77
CA VAL B 300 15.94 19.71 9.02
C VAL B 300 15.54 21.17 8.84
N ARG B 301 15.21 21.56 7.61
CA ARG B 301 14.78 22.95 7.36
C ARG B 301 13.38 23.15 7.97
N VAL B 302 13.30 24.02 8.97
CA VAL B 302 12.08 24.29 9.73
C VAL B 302 11.58 25.73 9.46
N VAL B 303 10.25 25.88 9.33
CA VAL B 303 9.63 27.21 9.09
C VAL B 303 8.95 27.75 10.33
#